data_1UB0
#
_entry.id   1UB0
#
_cell.length_a   105.145
_cell.length_b   105.145
_cell.length_c   105.469
_cell.angle_alpha   90.00
_cell.angle_beta   90.00
_cell.angle_gamma   120.00
#
_symmetry.space_group_name_H-M   'P 65 2 2'
#
loop_
_entity.id
_entity.type
_entity.pdbx_description
1 polymer 'Phosphomethylpyrimidine Kinase'
2 non-polymer 'SULFATE ION'
3 non-polymer '1,4-DIETHYLENE DIOXIDE'
4 non-polymer GLYCEROL
5 water water
#
_entity_poly.entity_id   1
_entity_poly.type   'polypeptide(L)'
_entity_poly.pdbx_seq_one_letter_code
;MRVALTIAGSDSGGGAGVQADLKVFFRFGVYGTSALTLVTAQNTLGVQRVHLLPPEVVYAQIESVAQDFPLHAAKTGALG
DAAIVEAVAEAVRRFGVRPLVVDPVMVAKSGDPLLAKEAAAALKERLFPLADLVTPNRLEAEALLGRPIRTLKEAEEAAK
ALLALGPKAVLLKGGHLEGEEAVDLLATRGGVLRFSAPRVHTRNTHGTGCTLSAAIAALLAKGRPLAEAVAEAKAYLTRA
LKTAPSLGHGHGPLDHWA
;
_entity_poly.pdbx_strand_id   A
#
loop_
_chem_comp.id
_chem_comp.type
_chem_comp.name
_chem_comp.formula
DIO non-polymer '1,4-DIETHYLENE DIOXIDE' 'C4 H8 O2'
GOL non-polymer GLYCEROL 'C3 H8 O3'
SO4 non-polymer 'SULFATE ION' 'O4 S -2'
#
# COMPACT_ATOMS: atom_id res chain seq x y z
N MET A 1 -16.83 -9.63 13.20
CA MET A 1 -15.62 -9.74 12.34
C MET A 1 -15.52 -8.56 11.39
N ARG A 2 -14.33 -7.97 11.30
CA ARG A 2 -14.11 -6.83 10.42
C ARG A 2 -13.73 -7.28 9.02
N VAL A 3 -14.02 -6.44 8.03
CA VAL A 3 -13.73 -6.74 6.63
C VAL A 3 -12.85 -5.67 6.00
N ALA A 4 -11.92 -6.10 5.15
CA ALA A 4 -11.05 -5.17 4.47
C ALA A 4 -10.97 -5.55 2.99
N LEU A 5 -10.76 -4.54 2.14
CA LEU A 5 -10.68 -4.75 0.71
C LEU A 5 -9.33 -4.33 0.15
N THR A 6 -8.77 -5.14 -0.74
CA THR A 6 -7.54 -4.75 -1.39
C THR A 6 -7.83 -4.61 -2.87
N ILE A 7 -7.42 -3.50 -3.45
CA ILE A 7 -7.62 -3.23 -4.87
C ILE A 7 -6.17 -3.22 -5.37
N ALA A 8 -5.73 -4.34 -5.94
CA ALA A 8 -4.36 -4.44 -6.39
C ALA A 8 -4.13 -5.55 -7.39
N GLY A 9 -2.86 -5.77 -7.75
CA GLY A 9 -2.52 -6.80 -8.70
C GLY A 9 -2.26 -8.18 -8.12
N SER A 10 -2.34 -9.19 -8.98
CA SER A 10 -2.10 -10.57 -8.58
C SER A 10 -0.66 -10.97 -8.84
N ASP A 11 -0.01 -11.50 -7.80
CA ASP A 11 1.38 -11.97 -7.86
C ASP A 11 1.34 -13.48 -7.68
N SER A 12 1.56 -14.22 -8.77
CA SER A 12 1.51 -15.68 -8.71
C SER A 12 2.47 -16.26 -7.67
N GLY A 13 3.61 -15.61 -7.46
CA GLY A 13 4.58 -16.08 -6.49
C GLY A 13 4.10 -15.97 -5.05
N GLY A 14 3.00 -15.25 -4.83
CA GLY A 14 2.43 -15.13 -3.49
C GLY A 14 3.10 -14.22 -2.48
N GLY A 15 4.19 -13.55 -2.86
CA GLY A 15 4.91 -12.69 -1.95
C GLY A 15 4.39 -11.27 -1.82
N ALA A 16 3.69 -10.77 -2.83
CA ALA A 16 3.15 -9.42 -2.81
C ALA A 16 1.77 -9.43 -3.48
N GLY A 17 1.30 -8.26 -3.92
CA GLY A 17 0.00 -8.19 -4.56
C GLY A 17 -1.13 -8.59 -3.63
N VAL A 18 -2.28 -8.98 -4.19
CA VAL A 18 -3.41 -9.37 -3.35
C VAL A 18 -3.12 -10.62 -2.52
N GLN A 19 -2.22 -11.47 -3.04
CA GLN A 19 -1.88 -12.70 -2.32
C GLN A 19 -1.32 -12.35 -0.93
N ALA A 20 -0.40 -11.41 -0.90
CA ALA A 20 0.20 -10.98 0.36
C ALA A 20 -0.82 -10.23 1.21
N ASP A 21 -1.59 -9.36 0.57
CA ASP A 21 -2.59 -8.57 1.29
C ASP A 21 -3.58 -9.47 2.03
N LEU A 22 -4.09 -10.49 1.34
CA LEU A 22 -5.06 -11.39 1.95
C LEU A 22 -4.47 -12.24 3.07
N LYS A 23 -3.19 -12.58 2.96
CA LYS A 23 -2.52 -13.37 3.99
C LYS A 23 -2.42 -12.51 5.24
N VAL A 24 -2.08 -11.25 5.04
CA VAL A 24 -1.96 -10.31 6.14
C VAL A 24 -3.31 -10.06 6.79
N PHE A 25 -4.35 -9.86 5.99
CA PHE A 25 -5.70 -9.65 6.54
C PHE A 25 -6.04 -10.85 7.40
N PHE A 26 -5.82 -12.04 6.85
CA PHE A 26 -6.11 -13.28 7.56
C PHE A 26 -5.33 -13.41 8.86
N ARG A 27 -4.04 -13.07 8.81
CA ARG A 27 -3.20 -13.15 10.00
C ARG A 27 -3.74 -12.24 11.10
N PHE A 28 -4.25 -11.08 10.70
CA PHE A 28 -4.79 -10.11 11.65
C PHE A 28 -6.25 -10.33 12.03
N GLY A 29 -6.80 -11.47 11.65
CA GLY A 29 -8.18 -11.78 11.98
C GLY A 29 -9.21 -10.95 11.23
N VAL A 30 -8.83 -10.41 10.07
CA VAL A 30 -9.73 -9.60 9.26
C VAL A 30 -10.16 -10.39 8.01
N TYR A 31 -11.45 -10.33 7.68
CA TYR A 31 -11.97 -11.05 6.50
C TYR A 31 -11.54 -10.29 5.25
N GLY A 32 -10.89 -10.98 4.32
CA GLY A 32 -10.42 -10.30 3.13
C GLY A 32 -11.22 -10.39 1.84
N THR A 33 -11.35 -9.26 1.16
CA THR A 33 -12.04 -9.21 -0.12
C THR A 33 -11.03 -8.56 -1.06
N SER A 34 -11.17 -8.80 -2.36
CA SER A 34 -10.21 -8.25 -3.31
C SER A 34 -10.77 -7.90 -4.69
N ALA A 35 -10.28 -6.79 -5.23
CA ALA A 35 -10.66 -6.35 -6.57
C ALA A 35 -9.34 -6.33 -7.32
N LEU A 36 -9.15 -7.30 -8.22
CA LEU A 36 -7.91 -7.37 -8.98
C LEU A 36 -7.87 -6.35 -10.11
N THR A 37 -6.71 -5.73 -10.28
CA THR A 37 -6.52 -4.72 -11.32
C THR A 37 -5.76 -5.29 -12.51
N LEU A 38 -4.95 -6.31 -12.24
CA LEU A 38 -4.11 -6.94 -13.25
C LEU A 38 -3.59 -8.27 -12.73
N VAL A 39 -3.10 -9.10 -13.64
CA VAL A 39 -2.57 -10.41 -13.28
C VAL A 39 -1.15 -10.57 -13.79
N THR A 40 -0.25 -11.00 -12.90
CA THR A 40 1.14 -11.19 -13.30
C THR A 40 1.66 -12.61 -13.11
N ALA A 41 2.56 -13.01 -13.99
CA ALA A 41 3.24 -14.30 -13.87
C ALA A 41 4.47 -13.72 -13.20
N GLN A 42 4.72 -14.13 -11.96
CA GLN A 42 5.83 -13.56 -11.22
C GLN A 42 6.43 -14.51 -10.20
N ASN A 43 7.72 -14.33 -9.92
CA ASN A 43 8.39 -15.16 -8.92
C ASN A 43 9.39 -14.31 -8.16
N THR A 44 10.36 -14.93 -7.49
CA THR A 44 11.32 -14.15 -6.71
C THR A 44 12.39 -13.47 -7.55
N LEU A 45 12.36 -13.71 -8.86
CA LEU A 45 13.32 -13.07 -9.76
C LEU A 45 12.75 -11.81 -10.39
N GLY A 46 11.42 -11.66 -10.30
CA GLY A 46 10.78 -10.49 -10.87
C GLY A 46 9.49 -10.84 -11.59
N VAL A 47 9.01 -9.90 -12.42
CA VAL A 47 7.79 -10.09 -13.18
C VAL A 47 8.11 -10.61 -14.57
N GLN A 48 7.51 -11.73 -14.96
CA GLN A 48 7.75 -12.30 -16.29
C GLN A 48 6.69 -11.88 -17.31
N ARG A 49 5.47 -11.62 -16.85
CA ARG A 49 4.40 -11.20 -17.74
C ARG A 49 3.29 -10.46 -17.00
N VAL A 50 2.73 -9.45 -17.67
CA VAL A 50 1.65 -8.65 -17.10
C VAL A 50 0.42 -8.63 -18.00
N HIS A 51 -0.75 -8.80 -17.40
CA HIS A 51 -2.00 -8.78 -18.12
C HIS A 51 -2.94 -7.83 -17.38
N LEU A 52 -3.19 -6.66 -17.98
CA LEU A 52 -4.07 -5.67 -17.37
C LEU A 52 -5.53 -6.06 -17.58
N LEU A 53 -6.37 -5.79 -16.58
CA LEU A 53 -7.78 -6.13 -16.70
C LEU A 53 -8.59 -4.92 -17.20
N PRO A 54 -9.72 -5.17 -17.87
CA PRO A 54 -10.52 -4.04 -18.37
C PRO A 54 -10.96 -3.21 -17.17
N PRO A 55 -10.91 -1.88 -17.29
CA PRO A 55 -11.31 -0.98 -16.19
C PRO A 55 -12.68 -1.31 -15.62
N GLU A 56 -13.62 -1.68 -16.49
CA GLU A 56 -14.97 -2.01 -16.05
C GLU A 56 -15.01 -3.27 -15.18
N VAL A 57 -14.08 -4.19 -15.41
CA VAL A 57 -14.01 -5.42 -14.63
C VAL A 57 -13.49 -5.10 -13.23
N VAL A 58 -12.56 -4.15 -13.13
CA VAL A 58 -12.03 -3.76 -11.83
C VAL A 58 -13.16 -3.06 -11.04
N TYR A 59 -13.88 -2.19 -11.73
CA TYR A 59 -14.98 -1.44 -11.12
C TYR A 59 -16.05 -2.42 -10.63
N ALA A 60 -16.39 -3.39 -11.47
CA ALA A 60 -17.42 -4.37 -11.12
C ALA A 60 -17.09 -5.14 -9.84
N GLN A 61 -15.82 -5.50 -9.66
CA GLN A 61 -15.42 -6.24 -8.46
C GLN A 61 -15.61 -5.38 -7.21
N ILE A 62 -15.20 -4.12 -7.29
CA ILE A 62 -15.36 -3.23 -6.15
C ILE A 62 -16.84 -3.08 -5.83
N GLU A 63 -17.66 -2.87 -6.85
CA GLU A 63 -19.10 -2.74 -6.67
C GLU A 63 -19.70 -3.99 -6.01
N SER A 64 -19.37 -5.17 -6.56
CA SER A 64 -19.88 -6.42 -6.00
C SER A 64 -19.53 -6.56 -4.51
N VAL A 65 -18.29 -6.25 -4.17
CA VAL A 65 -17.88 -6.37 -2.77
C VAL A 65 -18.49 -5.29 -1.89
N ALA A 66 -18.37 -4.03 -2.32
CA ALA A 66 -18.86 -2.91 -1.54
C ALA A 66 -20.35 -2.94 -1.18
N GLN A 67 -21.19 -3.43 -2.09
CA GLN A 67 -22.62 -3.47 -1.81
C GLN A 67 -23.07 -4.68 -0.99
N ASP A 68 -22.22 -5.70 -0.89
CA ASP A 68 -22.60 -6.87 -0.14
C ASP A 68 -21.93 -6.95 1.24
N PHE A 69 -20.68 -6.48 1.34
CA PHE A 69 -19.97 -6.52 2.61
C PHE A 69 -19.70 -5.15 3.20
N PRO A 70 -19.66 -5.06 4.53
CA PRO A 70 -19.37 -3.75 5.13
C PRO A 70 -17.84 -3.65 5.00
N LEU A 71 -17.32 -2.52 4.57
CA LEU A 71 -15.87 -2.39 4.44
C LEU A 71 -15.35 -1.46 5.52
N HIS A 72 -14.57 -2.02 6.44
CA HIS A 72 -14.02 -1.27 7.55
C HIS A 72 -12.69 -0.59 7.21
N ALA A 73 -12.13 -0.95 6.06
CA ALA A 73 -10.88 -0.38 5.58
C ALA A 73 -10.52 -0.98 4.22
N ALA A 74 -9.61 -0.34 3.50
CA ALA A 74 -9.19 -0.83 2.19
C ALA A 74 -7.86 -0.22 1.82
N LYS A 75 -7.19 -0.83 0.84
CA LYS A 75 -5.92 -0.34 0.35
C LYS A 75 -5.88 -0.54 -1.15
N THR A 76 -5.01 0.22 -1.81
CA THR A 76 -4.82 0.08 -3.24
C THR A 76 -3.34 -0.26 -3.43
N GLY A 77 -3.05 -1.06 -4.45
CA GLY A 77 -1.68 -1.44 -4.73
C GLY A 77 -1.40 -1.09 -6.18
N ALA A 78 -0.86 -2.02 -6.94
CA ALA A 78 -0.57 -1.78 -8.36
C ALA A 78 -1.90 -1.54 -9.08
N LEU A 79 -1.97 -0.46 -9.85
CA LEU A 79 -3.20 -0.11 -10.57
C LEU A 79 -3.13 -0.26 -12.10
N GLY A 80 -1.96 -0.66 -12.61
CA GLY A 80 -1.81 -0.88 -14.05
C GLY A 80 -1.69 0.31 -14.98
N ASP A 81 -2.76 1.09 -15.13
CA ASP A 81 -2.71 2.26 -16.00
C ASP A 81 -3.73 3.33 -15.60
N ALA A 82 -3.68 4.47 -16.28
CA ALA A 82 -4.58 5.58 -16.00
C ALA A 82 -6.05 5.22 -16.04
N ALA A 83 -6.46 4.47 -17.06
CA ALA A 83 -7.87 4.11 -17.17
C ALA A 83 -8.33 3.35 -15.93
N ILE A 84 -7.50 2.43 -15.45
CA ILE A 84 -7.85 1.66 -14.26
C ILE A 84 -7.87 2.56 -13.02
N VAL A 85 -6.83 3.38 -12.86
CA VAL A 85 -6.79 4.29 -11.71
C VAL A 85 -8.09 5.09 -11.64
N GLU A 86 -8.51 5.60 -12.78
CA GLU A 86 -9.74 6.41 -12.85
C GLU A 86 -10.97 5.61 -12.47
N ALA A 87 -11.06 4.37 -12.93
CA ALA A 87 -12.21 3.54 -12.60
C ALA A 87 -12.20 3.28 -11.09
N VAL A 88 -11.01 3.03 -10.54
CA VAL A 88 -10.86 2.78 -9.12
C VAL A 88 -11.29 4.00 -8.30
N ALA A 89 -10.86 5.18 -8.71
CA ALA A 89 -11.22 6.41 -8.01
C ALA A 89 -12.74 6.61 -8.03
N GLU A 90 -13.34 6.40 -9.19
CA GLU A 90 -14.79 6.55 -9.33
C GLU A 90 -15.48 5.56 -8.38
N ALA A 91 -15.06 4.30 -8.40
CA ALA A 91 -15.65 3.28 -7.53
C ALA A 91 -15.47 3.63 -6.06
N VAL A 92 -14.26 4.01 -5.67
CA VAL A 92 -13.98 4.36 -4.29
C VAL A 92 -14.88 5.50 -3.82
N ARG A 93 -15.11 6.48 -4.70
CA ARG A 93 -15.96 7.61 -4.37
C ARG A 93 -17.42 7.18 -4.29
N ARG A 94 -17.88 6.53 -5.35
CA ARG A 94 -19.26 6.08 -5.45
C ARG A 94 -19.72 5.18 -4.31
N PHE A 95 -18.86 4.25 -3.89
CA PHE A 95 -19.23 3.32 -2.83
C PHE A 95 -18.72 3.68 -1.45
N GLY A 96 -18.16 4.87 -1.31
CA GLY A 96 -17.65 5.33 -0.03
C GLY A 96 -16.69 4.37 0.65
N VAL A 97 -15.67 3.92 -0.07
CA VAL A 97 -14.69 3.00 0.49
C VAL A 97 -13.70 3.80 1.34
N ARG A 98 -13.82 3.65 2.67
CA ARG A 98 -12.95 4.36 3.61
C ARG A 98 -12.90 3.62 4.95
N PRO A 99 -11.79 3.77 5.68
CA PRO A 99 -10.63 4.58 5.33
C PRO A 99 -9.80 3.86 4.24
N LEU A 100 -9.18 4.64 3.36
CA LEU A 100 -8.40 4.08 2.28
C LEU A 100 -6.90 4.33 2.39
N VAL A 101 -6.13 3.26 2.23
CA VAL A 101 -4.68 3.34 2.28
C VAL A 101 -4.18 3.18 0.85
N VAL A 102 -3.66 4.26 0.27
CA VAL A 102 -3.16 4.21 -1.09
C VAL A 102 -1.66 4.00 -1.09
N ASP A 103 -1.23 2.82 -1.52
CA ASP A 103 0.19 2.47 -1.60
C ASP A 103 0.60 2.69 -3.04
N PRO A 104 1.34 3.78 -3.32
CA PRO A 104 1.80 4.14 -4.66
C PRO A 104 2.14 2.98 -5.61
N VAL A 105 3.10 2.15 -5.22
CA VAL A 105 3.50 1.02 -6.06
C VAL A 105 3.56 1.45 -7.52
N MET A 106 4.36 2.46 -7.80
CA MET A 106 4.51 2.98 -9.15
C MET A 106 5.41 2.09 -10.01
N ALA A 116 3.95 4.41 -15.95
CA ALA A 116 3.52 5.33 -17.00
C ALA A 116 3.34 6.73 -16.43
N LYS A 117 3.69 7.72 -17.23
CA LYS A 117 3.58 9.11 -16.81
C LYS A 117 2.11 9.44 -16.50
N GLU A 118 1.23 9.03 -17.40
CA GLU A 118 -0.20 9.26 -17.28
C GLU A 118 -0.84 8.62 -16.05
N ALA A 119 -0.42 7.40 -15.74
CA ALA A 119 -0.97 6.69 -14.59
C ALA A 119 -0.67 7.46 -13.31
N ALA A 120 0.55 7.97 -13.20
CA ALA A 120 0.97 8.73 -12.03
C ALA A 120 0.12 9.98 -11.88
N ALA A 121 -0.22 10.59 -13.01
CA ALA A 121 -1.03 11.80 -13.00
C ALA A 121 -2.43 11.49 -12.48
N ALA A 122 -3.03 10.43 -13.01
CA ALA A 122 -4.37 10.03 -12.59
C ALA A 122 -4.36 9.69 -11.09
N LEU A 123 -3.32 9.00 -10.66
CA LEU A 123 -3.19 8.61 -9.26
C LEU A 123 -3.24 9.84 -8.36
N LYS A 124 -2.36 10.81 -8.64
CA LYS A 124 -2.28 12.03 -7.85
C LYS A 124 -3.55 12.88 -7.89
N GLU A 125 -4.11 13.08 -9.08
CA GLU A 125 -5.30 13.90 -9.25
C GLU A 125 -6.62 13.26 -8.85
N ARG A 126 -6.82 12.01 -9.24
CA ARG A 126 -8.07 11.32 -8.94
C ARG A 126 -8.13 10.53 -7.64
N LEU A 127 -7.06 9.79 -7.33
CA LEU A 127 -7.07 8.94 -6.14
C LEU A 127 -6.56 9.53 -4.83
N PHE A 128 -5.47 10.29 -4.87
CA PHE A 128 -4.92 10.88 -3.64
C PHE A 128 -5.94 11.67 -2.82
N PRO A 129 -6.85 12.41 -3.48
CA PRO A 129 -7.84 13.17 -2.72
C PRO A 129 -8.79 12.29 -1.90
N LEU A 130 -8.87 11.01 -2.27
CA LEU A 130 -9.76 10.07 -1.58
C LEU A 130 -9.04 9.23 -0.53
N ALA A 131 -7.74 9.43 -0.41
CA ALA A 131 -6.94 8.67 0.53
C ALA A 131 -6.89 9.18 1.95
N ASP A 132 -6.92 8.24 2.89
CA ASP A 132 -6.82 8.58 4.30
C ASP A 132 -5.33 8.55 4.62
N LEU A 133 -4.58 7.82 3.78
CA LEU A 133 -3.14 7.70 3.93
C LEU A 133 -2.48 7.25 2.62
N VAL A 134 -1.34 7.85 2.32
CA VAL A 134 -0.56 7.46 1.15
C VAL A 134 0.78 6.98 1.71
N THR A 135 1.28 5.87 1.20
CA THR A 135 2.53 5.30 1.70
C THR A 135 3.65 5.21 0.67
N PRO A 136 4.11 6.36 0.15
CA PRO A 136 5.19 6.34 -0.84
C PRO A 136 6.56 6.19 -0.18
N ASN A 137 7.52 5.60 -0.91
CA ASN A 137 8.87 5.49 -0.39
C ASN A 137 9.58 6.75 -0.87
N ARG A 138 10.79 7.00 -0.39
CA ARG A 138 11.52 8.19 -0.79
C ARG A 138 11.56 8.37 -2.31
N LEU A 139 11.91 7.30 -3.01
CA LEU A 139 11.98 7.36 -4.47
C LEU A 139 10.64 7.81 -5.04
N GLU A 140 9.60 7.03 -4.75
CA GLU A 140 8.26 7.35 -5.21
C GLU A 140 7.89 8.78 -4.86
N ALA A 141 8.25 9.20 -3.64
CA ALA A 141 7.96 10.54 -3.19
C ALA A 141 8.61 11.55 -4.13
N GLU A 142 9.88 11.32 -4.45
CA GLU A 142 10.61 12.19 -5.36
C GLU A 142 9.95 12.20 -6.73
N ALA A 143 9.55 11.03 -7.19
CA ALA A 143 8.91 10.90 -8.50
C ALA A 143 7.62 11.72 -8.53
N LEU A 144 6.75 11.50 -7.54
CA LEU A 144 5.48 12.21 -7.46
C LEU A 144 5.65 13.73 -7.38
N LEU A 145 6.55 14.18 -6.51
CA LEU A 145 6.79 15.60 -6.34
C LEU A 145 7.74 16.18 -7.37
N GLY A 146 8.66 15.34 -7.85
CA GLY A 146 9.65 15.80 -8.82
C GLY A 146 10.90 16.25 -8.12
N ARG A 147 10.71 16.94 -6.99
CA ARG A 147 11.82 17.46 -6.20
C ARG A 147 12.66 16.30 -5.64
N PRO A 148 13.93 16.58 -5.30
CA PRO A 148 14.82 15.55 -4.75
C PRO A 148 14.76 15.52 -3.23
N ILE A 149 14.96 14.35 -2.64
CA ILE A 149 14.94 14.19 -1.19
C ILE A 149 16.23 13.51 -0.74
N ARG A 150 16.93 14.16 0.19
CA ARG A 150 18.21 13.62 0.67
C ARG A 150 18.52 13.95 2.13
N THR A 151 17.61 14.66 2.79
CA THR A 151 17.80 15.02 4.20
C THR A 151 16.48 14.93 4.95
N LEU A 152 16.55 14.76 6.27
CA LEU A 152 15.35 14.64 7.09
C LEU A 152 14.46 15.85 6.89
N LYS A 153 15.02 17.05 7.07
CA LYS A 153 14.25 18.28 6.90
C LYS A 153 13.61 18.35 5.52
N GLU A 154 14.36 17.92 4.50
CA GLU A 154 13.86 17.93 3.14
C GLU A 154 12.78 16.87 2.97
N ALA A 155 12.87 15.80 3.76
CA ALA A 155 11.90 14.73 3.71
C ALA A 155 10.59 15.21 4.33
N GLU A 156 10.69 15.93 5.44
CA GLU A 156 9.50 16.44 6.12
C GLU A 156 8.74 17.40 5.21
N GLU A 157 9.48 18.21 4.46
CA GLU A 157 8.85 19.15 3.56
C GLU A 157 8.12 18.36 2.48
N ALA A 158 8.75 17.27 2.05
CA ALA A 158 8.17 16.40 1.02
C ALA A 158 6.85 15.84 1.52
N ALA A 159 6.87 15.25 2.71
CA ALA A 159 5.67 14.68 3.31
C ALA A 159 4.55 15.72 3.30
N LYS A 160 4.85 16.91 3.82
CA LYS A 160 3.86 17.98 3.86
C LYS A 160 3.41 18.38 2.46
N ALA A 161 4.34 18.32 1.51
CA ALA A 161 4.01 18.67 0.13
C ALA A 161 2.98 17.70 -0.45
N LEU A 162 3.17 16.41 -0.20
CA LEU A 162 2.24 15.40 -0.70
C LEU A 162 0.89 15.55 -0.02
N LEU A 163 0.90 16.00 1.22
CA LEU A 163 -0.31 16.18 1.99
C LEU A 163 -1.23 17.21 1.31
N ALA A 164 -0.62 18.17 0.62
CA ALA A 164 -1.36 19.21 -0.07
C ALA A 164 -2.07 18.70 -1.31
N LEU A 165 -1.77 17.47 -1.70
CA LEU A 165 -2.40 16.87 -2.87
C LEU A 165 -3.79 16.34 -2.56
N GLY A 166 -4.17 16.35 -1.29
CA GLY A 166 -5.49 15.87 -0.93
C GLY A 166 -5.57 14.79 0.13
N PRO A 167 -4.57 13.89 0.25
CA PRO A 167 -4.66 12.87 1.29
C PRO A 167 -4.71 13.42 2.70
N LYS A 168 -5.43 12.74 3.57
CA LYS A 168 -5.59 13.16 4.96
C LYS A 168 -4.36 12.85 5.81
N ALA A 169 -3.41 12.10 5.25
CA ALA A 169 -2.20 11.74 5.95
C ALA A 169 -1.17 11.15 4.99
N VAL A 170 0.11 11.31 5.31
CA VAL A 170 1.18 10.82 4.46
C VAL A 170 2.28 10.13 5.23
N LEU A 171 2.62 8.92 4.80
CA LEU A 171 3.70 8.15 5.40
C LEU A 171 4.78 8.03 4.35
N LEU A 172 5.79 8.90 4.44
CA LEU A 172 6.90 8.87 3.51
C LEU A 172 7.92 7.93 4.14
N LYS A 173 8.10 6.77 3.53
CA LYS A 173 9.01 5.76 4.02
C LYS A 173 10.47 6.05 3.69
N GLY A 174 11.36 5.70 4.60
CA GLY A 174 12.79 5.92 4.38
C GLY A 174 13.09 7.36 4.07
N GLY A 175 12.35 8.27 4.69
CA GLY A 175 12.57 9.70 4.47
C GLY A 175 14.00 10.08 4.76
N HIS A 176 14.59 9.45 5.77
CA HIS A 176 15.97 9.72 6.13
C HIS A 176 16.63 8.44 6.62
N LEU A 177 17.83 8.18 6.10
CA LEU A 177 18.58 6.99 6.46
C LEU A 177 19.68 7.32 7.46
N GLU A 181 17.77 4.16 12.52
CA GLU A 181 18.47 3.90 11.27
C GLU A 181 17.65 4.43 10.10
N ALA A 182 16.58 3.72 9.78
CA ALA A 182 15.68 4.13 8.70
C ALA A 182 14.47 4.75 9.36
N VAL A 183 14.21 6.02 9.05
CA VAL A 183 13.06 6.71 9.64
C VAL A 183 11.98 7.08 8.63
N ASP A 184 10.73 6.83 9.01
CA ASP A 184 9.59 7.15 8.17
C ASP A 184 8.86 8.33 8.79
N LEU A 185 8.31 9.19 7.94
CA LEU A 185 7.60 10.36 8.44
C LEU A 185 6.10 10.27 8.19
N LEU A 186 5.32 10.49 9.24
CA LEU A 186 3.86 10.48 9.14
C LEU A 186 3.39 11.92 9.28
N ALA A 187 2.91 12.49 8.18
CA ALA A 187 2.44 13.87 8.18
C ALA A 187 0.93 13.99 8.06
N THR A 188 0.36 14.80 8.94
CA THR A 188 -1.08 15.07 8.96
C THR A 188 -1.22 16.58 9.07
N ARG A 189 -2.42 17.10 8.91
CA ARG A 189 -2.63 18.54 9.00
C ARG A 189 -2.19 19.05 10.37
N GLY A 190 -2.20 18.15 11.36
CA GLY A 190 -1.80 18.51 12.70
C GLY A 190 -0.31 18.64 12.92
N GLY A 191 0.47 17.80 12.25
CA GLY A 191 1.92 17.85 12.40
C GLY A 191 2.62 16.66 11.80
N VAL A 192 3.93 16.57 12.02
CA VAL A 192 4.73 15.47 11.48
C VAL A 192 5.27 14.59 12.59
N LEU A 193 5.20 13.27 12.40
CA LEU A 193 5.70 12.32 13.39
C LEU A 193 6.82 11.52 12.77
N ARG A 194 7.68 10.94 13.59
CA ARG A 194 8.79 10.16 13.10
C ARG A 194 8.79 8.75 13.70
N PHE A 195 8.87 7.75 12.84
CA PHE A 195 8.92 6.37 13.28
C PHE A 195 10.30 5.80 12.97
N SER A 196 10.87 5.09 13.93
CA SER A 196 12.18 4.49 13.74
C SER A 196 12.03 2.97 13.74
N ALA A 197 12.68 2.33 12.77
CA ALA A 197 12.62 0.87 12.66
C ALA A 197 14.00 0.29 12.34
N PRO A 198 14.31 -0.86 12.95
CA PRO A 198 15.61 -1.52 12.73
C PRO A 198 15.83 -1.83 11.25
N ARG A 199 16.89 -1.29 10.69
CA ARG A 199 17.22 -1.52 9.28
C ARG A 199 17.72 -2.95 9.10
N VAL A 200 16.83 -3.92 9.32
CA VAL A 200 17.17 -5.33 9.20
C VAL A 200 17.51 -5.71 7.76
N HIS A 201 18.69 -6.27 7.56
CA HIS A 201 19.15 -6.68 6.24
C HIS A 201 18.89 -8.17 5.97
N THR A 202 18.35 -8.46 4.80
CA THR A 202 18.04 -9.82 4.40
C THR A 202 17.71 -9.85 2.91
N ARG A 203 17.75 -11.04 2.32
CA ARG A 203 17.45 -11.17 0.90
C ARG A 203 15.94 -11.18 0.67
N ASN A 204 15.21 -11.70 1.66
CA ASN A 204 13.75 -11.77 1.59
C ASN A 204 13.12 -10.40 1.80
N THR A 205 13.14 -9.58 0.77
CA THR A 205 12.58 -8.23 0.84
C THR A 205 11.39 -8.05 -0.09
N HIS A 206 11.06 -9.09 -0.85
CA HIS A 206 9.94 -9.00 -1.78
C HIS A 206 8.62 -8.84 -1.02
N GLY A 207 7.87 -7.80 -1.35
CA GLY A 207 6.58 -7.58 -0.69
C GLY A 207 6.62 -6.78 0.61
N THR A 208 7.73 -6.09 0.85
CA THR A 208 7.87 -5.29 2.06
C THR A 208 6.84 -4.16 2.13
N GLY A 209 6.81 -3.31 1.10
CA GLY A 209 5.87 -2.20 1.08
C GLY A 209 4.43 -2.67 1.06
N CYS A 210 4.18 -3.72 0.31
CA CYS A 210 2.84 -4.30 0.21
C CYS A 210 2.35 -4.83 1.53
N THR A 211 3.22 -5.56 2.22
CA THR A 211 2.86 -6.13 3.50
C THR A 211 2.57 -5.03 4.52
N LEU A 212 3.31 -3.93 4.43
CA LEU A 212 3.13 -2.81 5.36
C LEU A 212 1.77 -2.12 5.18
N SER A 213 1.44 -1.77 3.94
CA SER A 213 0.17 -1.10 3.67
C SER A 213 -1.02 -2.00 3.99
N ALA A 214 -0.84 -3.31 3.81
CA ALA A 214 -1.90 -4.27 4.11
C ALA A 214 -2.13 -4.38 5.62
N ALA A 215 -1.04 -4.37 6.38
CA ALA A 215 -1.14 -4.46 7.84
C ALA A 215 -1.80 -3.19 8.41
N ILE A 216 -1.47 -2.04 7.82
CA ILE A 216 -2.04 -0.78 8.27
C ILE A 216 -3.55 -0.83 8.00
N ALA A 217 -3.93 -1.28 6.81
CA ALA A 217 -5.34 -1.37 6.46
C ALA A 217 -6.05 -2.31 7.43
N ALA A 218 -5.42 -3.45 7.70
CA ALA A 218 -6.01 -4.42 8.62
C ALA A 218 -6.21 -3.83 10.02
N LEU A 219 -5.21 -3.10 10.51
CA LEU A 219 -5.29 -2.51 11.83
C LEU A 219 -6.36 -1.42 11.89
N LEU A 220 -6.46 -0.63 10.83
CA LEU A 220 -7.49 0.41 10.76
C LEU A 220 -8.86 -0.24 10.78
N ALA A 221 -8.98 -1.39 10.11
CA ALA A 221 -10.25 -2.10 10.06
C ALA A 221 -10.68 -2.57 11.44
N LYS A 222 -9.70 -2.86 12.30
CA LYS A 222 -9.99 -3.34 13.64
C LYS A 222 -10.19 -2.20 14.63
N GLY A 223 -10.17 -0.96 14.13
CA GLY A 223 -10.39 0.19 14.99
C GLY A 223 -9.17 0.88 15.58
N ARG A 224 -7.98 0.58 15.08
CA ARG A 224 -6.78 1.24 15.61
C ARG A 224 -6.62 2.64 15.01
N PRO A 225 -6.17 3.61 15.82
CA PRO A 225 -5.99 4.97 15.30
C PRO A 225 -4.84 4.90 14.30
N LEU A 226 -4.80 5.83 13.35
CA LEU A 226 -3.75 5.83 12.34
C LEU A 226 -2.31 5.67 12.84
N ALA A 227 -1.86 6.60 13.67
CA ALA A 227 -0.49 6.55 14.21
C ALA A 227 -0.18 5.20 14.84
N GLU A 228 -1.12 4.67 15.62
CA GLU A 228 -0.91 3.38 16.28
C GLU A 228 -0.93 2.24 15.25
N ALA A 229 -1.75 2.37 14.21
CA ALA A 229 -1.83 1.34 13.17
C ALA A 229 -0.49 1.23 12.47
N VAL A 230 0.10 2.38 12.15
CA VAL A 230 1.41 2.41 11.48
C VAL A 230 2.50 1.80 12.35
N ALA A 231 2.51 2.13 13.65
CA ALA A 231 3.51 1.60 14.55
C ALA A 231 3.40 0.08 14.68
N GLU A 232 2.17 -0.41 14.84
CA GLU A 232 1.96 -1.84 14.98
C GLU A 232 2.22 -2.57 13.65
N ALA A 233 1.94 -1.89 12.55
CA ALA A 233 2.18 -2.48 11.24
C ALA A 233 3.70 -2.64 11.05
N LYS A 234 4.45 -1.60 11.42
CA LYS A 234 5.91 -1.63 11.30
C LYS A 234 6.52 -2.69 12.19
N ALA A 235 5.95 -2.87 13.38
CA ALA A 235 6.44 -3.89 14.31
C ALA A 235 6.23 -5.26 13.69
N TYR A 236 5.09 -5.43 13.02
CA TYR A 236 4.76 -6.69 12.37
C TYR A 236 5.73 -6.96 11.21
N LEU A 237 5.98 -5.94 10.41
CA LEU A 237 6.89 -6.06 9.27
C LEU A 237 8.28 -6.52 9.75
N THR A 238 8.77 -5.88 10.80
CA THR A 238 10.08 -6.25 11.35
C THR A 238 10.12 -7.72 11.71
N ARG A 239 9.09 -8.23 12.37
CA ARG A 239 9.04 -9.63 12.74
C ARG A 239 8.98 -10.50 11.47
N ALA A 240 8.15 -10.06 10.52
CA ALA A 240 7.99 -10.77 9.25
C ALA A 240 9.31 -10.89 8.50
N LEU A 241 10.12 -9.85 8.58
CA LEU A 241 11.43 -9.84 7.92
C LEU A 241 12.42 -10.74 8.62
N LYS A 242 12.44 -10.69 9.95
CA LYS A 242 13.38 -11.48 10.74
C LYS A 242 13.32 -12.99 10.51
N THR A 243 12.12 -13.55 10.41
CA THR A 243 12.00 -14.98 10.20
C THR A 243 11.53 -15.34 8.79
N ALA A 244 11.82 -14.48 7.83
CA ALA A 244 11.43 -14.76 6.44
C ALA A 244 11.94 -16.14 6.07
N PRO A 245 11.11 -16.94 5.36
CA PRO A 245 11.51 -18.28 4.96
C PRO A 245 12.46 -18.30 3.77
N SER A 246 13.20 -19.39 3.62
CA SER A 246 14.12 -19.52 2.50
C SER A 246 13.36 -20.19 1.37
N LEU A 247 12.61 -19.38 0.63
CA LEU A 247 11.82 -19.87 -0.49
C LEU A 247 12.17 -19.01 -1.71
N GLY A 248 12.20 -19.64 -2.87
CA GLY A 248 12.53 -18.91 -4.08
C GLY A 248 14.04 -18.84 -4.24
N HIS A 249 14.48 -18.47 -5.44
CA HIS A 249 15.90 -18.39 -5.75
C HIS A 249 16.41 -16.95 -5.73
N GLY A 250 15.49 -15.99 -5.74
CA GLY A 250 15.89 -14.59 -5.71
C GLY A 250 15.61 -13.93 -4.37
N HIS A 251 14.80 -12.88 -4.38
CA HIS A 251 14.43 -12.21 -3.12
C HIS A 251 13.15 -12.88 -2.63
N GLY A 252 13.29 -13.70 -1.59
CA GLY A 252 12.16 -14.43 -1.06
C GLY A 252 11.08 -13.60 -0.39
N PRO A 253 9.94 -14.22 -0.05
CA PRO A 253 8.82 -13.53 0.58
C PRO A 253 9.03 -13.39 2.09
N LEU A 254 8.16 -12.60 2.72
CA LEU A 254 8.23 -12.38 4.16
C LEU A 254 7.53 -13.52 4.89
N ASP A 255 7.69 -13.56 6.21
CA ASP A 255 7.05 -14.58 7.03
C ASP A 255 5.76 -13.96 7.57
N HIS A 256 4.69 -14.06 6.80
CA HIS A 256 3.42 -13.47 7.21
C HIS A 256 2.77 -14.11 8.44
N TRP A 257 3.30 -15.25 8.85
CA TRP A 257 2.79 -15.93 10.04
C TRP A 257 3.37 -15.28 11.30
N ALA A 258 4.33 -14.40 11.13
CA ALA A 258 4.99 -13.73 12.26
C ALA A 258 4.08 -12.79 13.06
S SO4 B . -0.45 -10.25 14.91
O1 SO4 B . -1.75 -9.92 13.99
O2 SO4 B . -0.21 -9.05 15.66
O3 SO4 B . -0.70 -11.29 15.67
O4 SO4 B . 0.60 -10.43 13.93
C1 DIO C . -10.09 -15.67 14.39
C2 DIO C . -12.02 -14.50 13.50
C1' DIO C . -9.34 -14.31 14.51
C2' DIO C . -11.27 -13.16 13.62
O1 DIO C . -11.51 -15.48 14.46
O1' DIO C . -10.27 -13.22 14.67
C1 DIO D . -18.00 1.25 -15.65
C2 DIO D . -18.01 3.63 -15.24
C1' DIO D . -16.46 1.30 -15.90
C2' DIO D . -16.48 3.69 -15.47
O1 DIO D . -18.42 2.31 -14.77
O1' DIO D . -15.88 2.40 -15.17
C1 GOL E . -7.19 -2.56 -21.13
O1 GOL E . -7.89 -3.92 -21.63
C2 GOL E . -6.88 -2.23 -19.81
O2 GOL E . -6.67 -3.33 -19.08
C3 GOL E . -6.87 -1.03 -19.68
O3 GOL E . -6.97 0.36 -19.97
C1 GOL F . 6.32 -4.51 -16.47
O1 GOL F . 6.71 -5.31 -15.14
C2 GOL F . 6.13 -3.14 -16.57
O2 GOL F . 6.91 -2.48 -15.71
C3 GOL F . 5.34 -2.89 -17.45
O3 GOL F . 4.41 -3.08 -18.51
C1 GOL G . -9.18 4.80 11.91
O1 GOL G . -9.40 3.25 12.32
C2 GOL G . -9.76 5.45 10.82
O2 GOL G . -10.97 4.93 10.52
C3 GOL G . -9.02 6.34 10.43
O3 GOL G . -7.89 7.20 10.32
C1 GOL H . 3.24 -2.76 -12.18
O1 GOL H . 4.42 -2.72 -11.10
C2 GOL H . 3.08 -3.69 -13.18
O2 GOL H . 3.56 -4.90 -12.81
C3 GOL H . 2.50 -3.20 -14.12
O3 GOL H . 1.83 -2.25 -14.94
#